data_6XV9
#
_entry.id   6XV9
#
_cell.length_a   89.632
_cell.length_b   90.614
_cell.length_c   87.042
_cell.angle_alpha   90.000
_cell.angle_beta   90.000
_cell.angle_gamma   90.000
#
_symmetry.space_group_name_H-M   'P 21 21 21'
#
loop_
_entity.id
_entity.type
_entity.pdbx_description
1 polymer 'Mast/stem cell growth factor receptor Kit,Mast/stem cell growth factor receptor Kit'
2 non-polymer ~{N}-[3-[(dimethylamino)methyl]-5-methyl-phenyl]-2-[3-methoxy-5-(7-methoxyquinolin-4-yl)oxy-pyridin-2-yl]ethanamide
#
_entity_poly.entity_id   1
_entity_poly.type   'polypeptide(L)'
_entity_poly.pdbx_seq_one_letter_code
;GSHMPMYEVQWKVVEESNGNNYSYIDPTQLPYDHKWEFPRNRLSFGKTLGAGAFGKVVEATAQGLIKSDAAMTVAVKMLK
PSAHSTEREALMSELKVLSYLGNHENIVNLLGACTHGGPTLVITEYCCYGDLLNFLRRKRDEFVPYKVAPEDLYKDFLTL
EHLLSFSYQVAKGMAFLASKNCIHRDLAARNILLTHGNITKICDFGLARDIKNDSNYVDKGNARLPVKWMAPESIFNSVY
TFESDVWSYGIFLWELFSLGSSPYPGMPVDSKFYKMIKEGFRMSSPEYAPAEMYDIMKTCWDADPDKRPTFKQIVQDIEK
QISESTNH
;
_entity_poly.pdbx_strand_id   A,B
#
loop_
_chem_comp.id
_chem_comp.type
_chem_comp.name
_chem_comp.formula
O35 non-polymer ~{N}-[3-[(dimethylamino)methyl]-5-methyl-phenyl]-2-[3-methoxy-5-(7-methoxyquinolin-4-yl)oxy-pyridin-2-yl]ethanamide 'C28 H30 N4 O4'
#
# COMPACT_ATOMS: atom_id res chain seq x y z
N ASN A 20 24.71 -21.76 -19.10
CA ASN A 20 24.25 -20.38 -18.91
C ASN A 20 23.50 -20.27 -17.59
N ASN A 21 23.48 -19.03 -17.01
CA ASN A 21 22.72 -18.72 -15.79
C ASN A 21 21.22 -18.38 -16.09
N TYR A 22 20.78 -18.65 -17.34
CA TYR A 22 19.41 -18.54 -17.91
C TYR A 22 19.20 -19.77 -18.82
N SER A 23 18.12 -20.52 -18.61
CA SER A 23 17.93 -21.81 -19.27
C SER A 23 17.38 -21.78 -20.67
N TYR A 24 16.35 -20.97 -20.90
CA TYR A 24 15.71 -20.98 -22.20
C TYR A 24 16.03 -19.74 -22.99
N ILE A 25 15.89 -18.59 -22.35
CA ILE A 25 16.17 -17.32 -22.99
C ILE A 25 17.61 -16.87 -22.73
N ASP A 26 18.19 -16.08 -23.67
CA ASP A 26 19.53 -15.47 -23.49
C ASP A 26 19.33 -13.96 -23.37
N PRO A 27 19.50 -13.43 -22.12
CA PRO A 27 19.23 -12.01 -21.89
C PRO A 27 20.16 -11.03 -22.57
N THR A 28 21.38 -11.47 -22.88
CA THR A 28 22.38 -10.62 -23.55
C THR A 28 21.91 -10.32 -24.99
N GLN A 29 21.23 -11.28 -25.63
CA GLN A 29 20.66 -11.12 -26.98
C GLN A 29 19.32 -10.35 -26.95
N LEU A 30 18.72 -10.19 -25.74
CA LEU A 30 17.48 -9.43 -25.53
C LEU A 30 17.77 -7.94 -25.64
N PRO A 31 16.86 -7.14 -26.18
CA PRO A 31 17.13 -5.69 -26.27
C PRO A 31 16.69 -4.88 -25.04
N TYR A 32 17.22 -3.64 -24.96
CA TYR A 32 16.87 -2.68 -23.91
C TYR A 32 16.35 -1.39 -24.57
N ASP A 33 15.03 -1.17 -24.44
CA ASP A 33 14.35 0.01 -24.98
C ASP A 33 14.78 1.22 -24.20
N HIS A 34 15.23 2.28 -24.87
CA HIS A 34 15.63 3.49 -24.17
C HIS A 34 14.44 4.32 -23.68
N LYS A 35 13.21 3.78 -23.84
CA LYS A 35 11.97 4.40 -23.39
C LYS A 35 11.92 4.33 -21.86
N TRP A 36 12.74 3.40 -21.31
CA TRP A 36 12.88 3.14 -19.88
C TRP A 36 13.79 4.14 -19.23
N GLU A 37 14.81 4.63 -19.97
CA GLU A 37 15.82 5.57 -19.48
C GLU A 37 15.21 6.75 -18.70
N PHE A 38 15.60 6.84 -17.42
CA PHE A 38 15.16 7.83 -16.47
C PHE A 38 16.35 8.63 -15.93
N PRO A 39 16.27 10.00 -15.81
CA PRO A 39 17.41 10.77 -15.24
C PRO A 39 17.68 10.46 -13.77
N ARG A 40 18.88 9.99 -13.42
CA ARG A 40 19.15 9.63 -12.03
C ARG A 40 19.14 10.83 -11.05
N ASN A 41 19.32 12.06 -11.58
CA ASN A 41 19.30 13.28 -10.77
C ASN A 41 17.90 13.48 -10.17
N ARG A 42 16.87 12.96 -10.88
CA ARG A 42 15.46 13.03 -10.52
C ARG A 42 15.04 11.96 -9.50
N LEU A 43 16.01 11.20 -8.95
CA LEU A 43 15.78 10.17 -7.92
C LEU A 43 16.36 10.63 -6.59
N SER A 44 15.51 10.72 -5.56
CA SER A 44 15.92 11.06 -4.20
C SER A 44 15.82 9.76 -3.37
N PHE A 45 16.97 9.26 -2.88
CA PHE A 45 17.00 7.98 -2.16
C PHE A 45 16.66 8.06 -0.72
N GLY A 46 16.00 7.01 -0.26
CA GLY A 46 15.58 6.82 1.11
C GLY A 46 16.25 5.62 1.76
N LYS A 47 15.48 4.88 2.57
CA LYS A 47 15.94 3.72 3.32
C LYS A 47 16.09 2.52 2.45
N THR A 48 16.99 1.64 2.89
CA THR A 48 17.29 0.38 2.21
C THR A 48 16.22 -0.60 2.60
N LEU A 49 15.61 -1.21 1.61
CA LEU A 49 14.55 -2.20 1.80
C LEU A 49 15.12 -3.63 1.98
N GLY A 50 16.31 -3.83 1.43
CA GLY A 50 17.04 -5.09 1.51
C GLY A 50 18.42 -4.95 0.90
N ALA A 51 19.40 -5.67 1.45
CA ALA A 51 20.77 -5.63 0.95
C ALA A 51 21.49 -6.96 1.11
N GLY A 52 22.27 -7.27 0.11
CA GLY A 52 23.12 -8.46 0.06
C GLY A 52 24.58 -8.05 0.03
N ALA A 53 25.46 -8.98 -0.34
CA ALA A 53 26.87 -8.70 -0.35
C ALA A 53 27.23 -7.71 -1.45
N PHE A 54 26.60 -7.87 -2.66
CA PHE A 54 26.92 -7.08 -3.85
C PHE A 54 25.84 -6.15 -4.35
N GLY A 55 24.68 -6.19 -3.74
CA GLY A 55 23.59 -5.34 -4.17
C GLY A 55 22.57 -4.95 -3.10
N LYS A 56 21.71 -4.00 -3.44
CA LYS A 56 20.68 -3.53 -2.53
C LYS A 56 19.44 -3.05 -3.27
N VAL A 57 18.30 -3.05 -2.58
CA VAL A 57 17.04 -2.48 -3.05
C VAL A 57 16.78 -1.33 -2.08
N VAL A 58 16.66 -0.13 -2.61
CA VAL A 58 16.46 1.05 -1.79
C VAL A 58 15.15 1.69 -2.18
N GLU A 59 14.47 2.29 -1.20
CA GLU A 59 13.24 3.03 -1.43
C GLU A 59 13.71 4.39 -1.96
N ALA A 60 13.01 4.93 -2.97
CA ALA A 60 13.35 6.24 -3.53
C ALA A 60 12.11 6.99 -3.98
N THR A 61 12.25 8.31 -4.10
CA THR A 61 11.21 9.20 -4.60
C THR A 61 11.65 9.68 -5.98
N ALA A 62 10.89 9.29 -7.01
CA ALA A 62 11.16 9.62 -8.39
C ALA A 62 10.32 10.82 -8.80
N GLN A 63 11.00 11.87 -9.24
CA GLN A 63 10.37 13.11 -9.70
C GLN A 63 10.21 13.07 -11.21
N GLY A 64 9.06 13.49 -11.70
CA GLY A 64 8.77 13.56 -13.12
C GLY A 64 8.43 12.25 -13.81
N LEU A 65 8.13 11.23 -13.01
CA LEU A 65 7.74 9.90 -13.53
C LEU A 65 6.28 9.91 -13.94
N ILE A 66 5.50 10.87 -13.39
CA ILE A 66 4.09 11.07 -13.70
C ILE A 66 4.01 12.28 -14.64
N LYS A 67 2.97 12.34 -15.51
CA LYS A 67 2.77 13.44 -16.48
C LYS A 67 2.77 14.82 -15.80
N SER A 68 2.07 14.94 -14.65
CA SER A 68 2.00 16.14 -13.81
C SER A 68 3.28 16.20 -12.94
N ASP A 69 3.64 17.35 -12.39
CA ASP A 69 4.86 17.56 -11.57
C ASP A 69 4.97 16.64 -10.32
N ALA A 70 3.93 15.83 -10.08
CA ALA A 70 3.77 14.93 -8.94
C ALA A 70 4.89 13.91 -8.75
N ALA A 71 5.39 13.79 -7.50
CA ALA A 71 6.44 12.84 -7.10
C ALA A 71 5.83 11.44 -6.92
N MET A 72 6.69 10.41 -6.85
CA MET A 72 6.22 9.04 -6.75
C MET A 72 7.23 8.14 -6.05
N THR A 73 6.74 7.25 -5.19
CA THR A 73 7.60 6.29 -4.49
C THR A 73 7.83 5.07 -5.35
N VAL A 74 9.10 4.71 -5.49
CA VAL A 74 9.60 3.60 -6.29
C VAL A 74 10.60 2.77 -5.46
N ALA A 75 10.97 1.60 -5.99
CA ALA A 75 11.99 0.73 -5.41
C ALA A 75 13.12 0.65 -6.43
N VAL A 76 14.35 0.91 -5.99
CA VAL A 76 15.50 0.93 -6.90
C VAL A 76 16.49 -0.17 -6.52
N LYS A 77 16.75 -1.10 -7.46
CA LYS A 77 17.73 -2.17 -7.28
C LYS A 77 18.99 -1.67 -7.91
N MET A 78 20.10 -1.83 -7.23
CA MET A 78 21.41 -1.38 -7.70
C MET A 78 22.49 -2.21 -7.06
N LEU A 79 23.73 -2.05 -7.58
CA LEU A 79 24.85 -2.76 -7.01
C LEU A 79 25.64 -1.89 -6.04
N LYS A 80 26.41 -2.53 -5.16
CA LYS A 80 27.27 -1.88 -4.18
C LYS A 80 28.71 -1.77 -4.75
N PRO A 81 29.61 -0.88 -4.24
CA PRO A 81 30.99 -0.82 -4.78
C PRO A 81 31.77 -2.11 -4.57
N SER A 82 31.19 -3.04 -3.78
CA SER A 82 31.74 -4.35 -3.47
C SER A 82 31.61 -5.29 -4.67
N ALA A 83 30.69 -4.97 -5.62
CA ALA A 83 30.40 -5.78 -6.81
C ALA A 83 31.50 -5.77 -7.86
N HIS A 84 31.61 -6.93 -8.55
CA HIS A 84 32.55 -7.23 -9.62
C HIS A 84 31.84 -7.24 -10.99
N SER A 85 32.57 -7.59 -12.06
CA SER A 85 32.03 -7.59 -13.42
C SER A 85 30.91 -8.60 -13.65
N THR A 86 30.97 -9.77 -12.99
CA THR A 86 29.92 -10.80 -13.17
C THR A 86 28.56 -10.34 -12.63
N GLU A 87 28.55 -9.53 -11.54
CA GLU A 87 27.34 -8.97 -10.91
C GLU A 87 26.81 -7.83 -11.73
N ARG A 88 27.73 -7.02 -12.28
CA ARG A 88 27.42 -5.87 -13.12
C ARG A 88 26.67 -6.32 -14.35
N GLU A 89 27.15 -7.44 -14.94
CA GLU A 89 26.58 -8.10 -16.10
C GLU A 89 25.23 -8.74 -15.73
N ALA A 90 25.11 -9.27 -14.50
CA ALA A 90 23.88 -9.89 -13.99
C ALA A 90 22.74 -8.90 -13.86
N LEU A 91 23.06 -7.71 -13.31
CA LEU A 91 22.09 -6.64 -13.13
C LEU A 91 21.57 -6.12 -14.49
N MET A 92 22.47 -6.07 -15.50
CA MET A 92 22.11 -5.65 -16.85
C MET A 92 21.16 -6.66 -17.53
N SER A 93 21.51 -7.96 -17.41
CA SER A 93 20.70 -9.03 -17.96
C SER A 93 19.33 -9.05 -17.27
N GLU A 94 19.30 -8.77 -15.94
CA GLU A 94 18.07 -8.70 -15.14
C GLU A 94 17.16 -7.55 -15.66
N LEU A 95 17.79 -6.44 -16.03
CA LEU A 95 17.11 -5.29 -16.58
C LEU A 95 16.50 -5.64 -17.96
N LYS A 96 17.29 -6.29 -18.86
CA LYS A 96 16.85 -6.69 -20.19
C LYS A 96 15.61 -7.63 -20.13
N VAL A 97 15.56 -8.51 -19.11
CA VAL A 97 14.49 -9.49 -18.85
C VAL A 97 13.21 -8.81 -18.34
N LEU A 98 13.35 -7.84 -17.43
CA LEU A 98 12.22 -7.09 -16.89
C LEU A 98 11.61 -6.21 -17.97
N SER A 99 12.46 -5.64 -18.86
CA SER A 99 12.07 -4.83 -20.01
C SER A 99 11.24 -5.72 -20.97
N TYR A 100 11.76 -6.94 -21.22
CA TYR A 100 11.21 -7.99 -22.08
C TYR A 100 9.86 -8.52 -21.66
N LEU A 101 9.67 -8.78 -20.35
CA LEU A 101 8.42 -9.34 -19.83
C LEU A 101 7.22 -8.38 -19.96
N GLY A 102 7.48 -7.11 -19.61
CA GLY A 102 6.48 -6.05 -19.64
C GLY A 102 5.43 -6.23 -18.57
N ASN A 103 4.32 -5.49 -18.71
CA ASN A 103 3.21 -5.44 -17.76
C ASN A 103 2.49 -6.76 -17.55
N HIS A 104 2.26 -7.07 -16.25
CA HIS A 104 1.50 -8.18 -15.69
C HIS A 104 1.24 -7.88 -14.24
N GLU A 105 -0.02 -8.06 -13.82
CA GLU A 105 -0.53 -7.76 -12.49
C GLU A 105 0.19 -8.51 -11.35
N ASN A 106 0.62 -9.75 -11.58
CA ASN A 106 1.24 -10.59 -10.55
C ASN A 106 2.77 -10.66 -10.58
N ILE A 107 3.39 -9.70 -11.27
CA ILE A 107 4.83 -9.56 -11.45
C ILE A 107 5.13 -8.12 -11.04
N VAL A 108 6.25 -7.89 -10.32
CA VAL A 108 6.71 -6.53 -9.95
C VAL A 108 6.99 -5.77 -11.27
N ASN A 109 6.35 -4.60 -11.46
CA ASN A 109 6.45 -3.92 -12.74
C ASN A 109 7.58 -2.87 -12.79
N LEU A 110 8.34 -2.90 -13.91
CA LEU A 110 9.45 -1.99 -14.22
C LEU A 110 8.88 -0.62 -14.52
N LEU A 111 9.51 0.41 -14.00
CA LEU A 111 9.03 1.75 -14.28
C LEU A 111 10.01 2.51 -15.12
N GLY A 112 11.29 2.12 -15.02
CA GLY A 112 12.39 2.75 -15.74
C GLY A 112 13.75 2.23 -15.31
N ALA A 113 14.82 2.91 -15.79
CA ALA A 113 16.21 2.52 -15.49
C ALA A 113 17.20 3.63 -15.77
N CYS A 114 18.39 3.54 -15.17
CA CYS A 114 19.50 4.46 -15.39
C CYS A 114 20.66 3.60 -15.82
N THR A 115 21.09 3.71 -17.09
CA THR A 115 22.22 2.94 -17.64
C THR A 115 23.44 3.82 -17.83
N HIS A 116 23.22 5.09 -18.24
CA HIS A 116 24.27 6.12 -18.39
C HIS A 116 24.37 6.94 -17.10
N GLY A 117 25.47 7.70 -16.99
CA GLY A 117 25.72 8.60 -15.87
C GLY A 117 26.26 7.96 -14.61
N GLY A 118 26.54 6.66 -14.69
CA GLY A 118 27.06 5.90 -13.57
C GLY A 118 26.57 4.47 -13.50
N PRO A 119 26.48 3.93 -12.26
CA PRO A 119 26.03 2.52 -12.08
C PRO A 119 24.58 2.31 -12.49
N THR A 120 24.30 1.13 -13.06
CA THR A 120 22.96 0.79 -13.53
C THR A 120 21.99 0.65 -12.33
N LEU A 121 20.83 1.32 -12.47
CA LEU A 121 19.74 1.37 -11.49
C LEU A 121 18.47 0.81 -12.13
N VAL A 122 17.85 -0.19 -11.48
CA VAL A 122 16.62 -0.81 -11.95
C VAL A 122 15.46 -0.28 -11.09
N ILE A 123 14.57 0.54 -11.69
CA ILE A 123 13.45 1.17 -10.99
C ILE A 123 12.16 0.41 -11.21
N THR A 124 11.56 -0.12 -10.13
CA THR A 124 10.28 -0.83 -10.22
C THR A 124 9.27 -0.13 -9.34
N GLU A 125 8.01 -0.63 -9.32
CA GLU A 125 6.94 -0.09 -8.48
C GLU A 125 7.22 -0.41 -7.02
N TYR A 126 6.68 0.38 -6.09
CA TYR A 126 6.90 0.12 -4.67
C TYR A 126 5.70 -0.63 -4.16
N CYS A 127 5.91 -1.83 -3.58
CA CYS A 127 4.87 -2.69 -2.99
C CYS A 127 4.90 -2.44 -1.52
N CYS A 128 3.95 -1.63 -1.05
CA CYS A 128 3.86 -1.09 0.30
C CYS A 128 3.88 -2.10 1.46
N TYR A 129 3.46 -3.34 1.24
CA TYR A 129 3.46 -4.30 2.34
C TYR A 129 4.72 -5.21 2.39
N GLY A 130 5.65 -5.00 1.46
CA GLY A 130 6.93 -5.71 1.41
C GLY A 130 6.82 -7.18 1.05
N ASP A 131 7.82 -7.98 1.41
CA ASP A 131 7.79 -9.41 1.10
C ASP A 131 6.75 -10.17 1.91
N LEU A 132 6.17 -11.17 1.25
CA LEU A 132 5.10 -12.02 1.77
C LEU A 132 5.51 -12.82 2.97
N LEU A 133 6.76 -13.32 2.98
CA LEU A 133 7.21 -14.13 4.10
C LEU A 133 7.06 -13.41 5.41
N ASN A 134 7.57 -12.17 5.49
CA ASN A 134 7.51 -11.36 6.71
C ASN A 134 6.12 -10.92 7.04
N PHE A 135 5.30 -10.68 6.00
CA PHE A 135 3.91 -10.35 6.15
C PHE A 135 3.19 -11.51 6.85
N LEU A 136 3.37 -12.73 6.32
CA LEU A 136 2.76 -13.93 6.89
C LEU A 136 3.12 -14.09 8.37
N ARG A 137 4.41 -13.98 8.68
CA ARG A 137 4.98 -14.04 10.01
C ARG A 137 4.39 -13.04 10.99
N ARG A 138 4.20 -11.74 10.56
CA ARG A 138 3.64 -10.72 11.45
C ARG A 138 2.13 -10.87 11.60
N LYS A 139 1.49 -11.55 10.63
CA LYS A 139 0.05 -11.78 10.66
C LYS A 139 -0.33 -13.18 11.24
N ARG A 140 0.69 -14.04 11.52
CA ARG A 140 0.54 -15.43 12.00
C ARG A 140 -0.29 -15.51 13.24
N ASP A 141 -0.01 -14.65 14.20
CA ASP A 141 -0.66 -14.69 15.51
C ASP A 141 -2.09 -14.12 15.53
N GLU A 142 -2.49 -13.37 14.48
CA GLU A 142 -3.83 -12.81 14.34
C GLU A 142 -4.61 -13.45 13.17
N PHE A 143 -4.13 -14.59 12.63
CA PHE A 143 -4.78 -15.32 11.54
C PHE A 143 -6.11 -15.93 11.97
N VAL A 144 -7.12 -15.79 11.11
CA VAL A 144 -8.48 -16.26 11.35
C VAL A 144 -8.83 -17.30 10.25
N PRO A 145 -8.93 -18.62 10.60
CA PRO A 145 -9.20 -19.63 9.57
C PRO A 145 -10.54 -19.49 8.88
N TYR A 146 -11.57 -19.18 9.66
CA TYR A 146 -12.97 -19.02 9.23
C TYR A 146 -13.24 -17.61 8.75
N LYS A 147 -14.52 -17.21 8.67
CA LYS A 147 -14.92 -15.87 8.22
C LYS A 147 -14.75 -14.82 9.34
N VAL A 148 -14.30 -13.62 8.96
CA VAL A 148 -14.04 -12.47 9.82
C VAL A 148 -15.35 -11.73 10.23
N ALA A 149 -15.45 -11.31 11.52
CA ALA A 149 -16.60 -10.56 12.06
C ALA A 149 -16.70 -9.17 11.37
N PRO A 150 -17.91 -8.64 11.06
CA PRO A 150 -17.99 -7.33 10.38
C PRO A 150 -17.38 -6.16 11.16
N GLU A 151 -17.49 -6.20 12.50
CA GLU A 151 -16.97 -5.18 13.44
C GLU A 151 -15.43 -5.14 13.46
N ASP A 152 -14.79 -6.33 13.56
CA ASP A 152 -13.34 -6.52 13.64
C ASP A 152 -12.64 -6.57 12.25
N LEU A 153 -13.37 -6.21 11.17
CA LEU A 153 -12.86 -6.21 9.79
C LEU A 153 -11.75 -5.15 9.57
N TYR A 154 -11.79 -4.03 10.36
CA TYR A 154 -10.84 -2.90 10.34
C TYR A 154 -9.41 -3.33 10.74
N LYS A 155 -9.31 -4.36 11.61
CA LYS A 155 -8.08 -4.95 12.15
C LYS A 155 -7.21 -5.61 11.08
N ASP A 156 -7.74 -5.75 9.83
CA ASP A 156 -7.08 -6.35 8.67
C ASP A 156 -6.51 -7.74 9.00
N PHE A 157 -7.39 -8.62 9.51
CA PHE A 157 -7.02 -9.98 9.87
C PHE A 157 -6.75 -10.81 8.64
N LEU A 158 -5.72 -11.65 8.71
CA LEU A 158 -5.40 -12.58 7.62
C LEU A 158 -6.40 -13.73 7.73
N THR A 159 -7.07 -14.09 6.62
CA THR A 159 -8.05 -15.19 6.55
C THR A 159 -7.57 -16.27 5.61
N LEU A 160 -8.27 -17.41 5.57
CA LEU A 160 -7.94 -18.50 4.65
C LEU A 160 -8.22 -18.07 3.19
N GLU A 161 -9.21 -17.18 3.02
CA GLU A 161 -9.61 -16.58 1.75
C GLU A 161 -8.42 -15.86 1.14
N HIS A 162 -7.64 -15.08 1.96
CA HIS A 162 -6.44 -14.36 1.52
C HIS A 162 -5.37 -15.32 1.08
N LEU A 163 -5.17 -16.42 1.82
CA LEU A 163 -4.17 -17.44 1.49
C LEU A 163 -4.48 -18.06 0.16
N LEU A 164 -5.76 -18.37 -0.10
CA LEU A 164 -6.13 -18.94 -1.39
C LEU A 164 -5.91 -17.94 -2.52
N SER A 165 -6.20 -16.65 -2.26
CA SER A 165 -6.03 -15.55 -3.22
C SER A 165 -4.57 -15.42 -3.54
N PHE A 166 -3.70 -15.55 -2.54
CA PHE A 166 -2.26 -15.45 -2.74
C PHE A 166 -1.73 -16.65 -3.51
N SER A 167 -2.23 -17.87 -3.21
CA SER A 167 -1.79 -19.07 -3.93
C SER A 167 -2.21 -19.02 -5.43
N TYR A 168 -3.39 -18.43 -5.71
CA TYR A 168 -3.92 -18.27 -7.07
C TYR A 168 -3.09 -17.24 -7.88
N GLN A 169 -2.85 -16.07 -7.27
CA GLN A 169 -2.10 -15.00 -7.88
C GLN A 169 -0.66 -15.41 -8.19
N VAL A 170 -0.02 -16.20 -7.30
CA VAL A 170 1.36 -16.58 -7.56
C VAL A 170 1.41 -17.59 -8.73
N ALA A 171 0.41 -18.47 -8.84
CA ALA A 171 0.36 -19.40 -9.94
C ALA A 171 0.11 -18.63 -11.24
N LYS A 172 -0.79 -17.61 -11.21
CA LYS A 172 -1.10 -16.76 -12.37
C LYS A 172 0.17 -16.09 -12.87
N GLY A 173 0.91 -15.49 -11.94
CA GLY A 173 2.19 -14.82 -12.20
C GLY A 173 3.24 -15.75 -12.79
N MET A 174 3.33 -16.96 -12.22
CA MET A 174 4.28 -17.99 -12.66
C MET A 174 3.92 -18.55 -14.03
N ALA A 175 2.61 -18.73 -14.28
CA ALA A 175 2.06 -19.16 -15.55
C ALA A 175 2.51 -18.15 -16.64
N PHE A 176 2.50 -16.84 -16.29
CA PHE A 176 2.88 -15.77 -17.20
C PHE A 176 4.34 -15.89 -17.52
N LEU A 177 5.19 -15.90 -16.47
CA LEU A 177 6.65 -16.05 -16.57
C LEU A 177 7.00 -17.24 -17.47
N ALA A 178 6.34 -18.40 -17.23
CA ALA A 178 6.55 -19.62 -17.97
C ALA A 178 6.20 -19.46 -19.45
N SER A 179 5.12 -18.73 -19.77
CA SER A 179 4.73 -18.49 -21.17
C SER A 179 5.78 -17.66 -21.93
N LYS A 180 6.60 -16.87 -21.18
CA LYS A 180 7.68 -16.01 -21.68
C LYS A 180 9.05 -16.74 -21.61
N ASN A 181 9.03 -18.05 -21.37
CA ASN A 181 10.20 -18.94 -21.28
C ASN A 181 11.21 -18.50 -20.22
N CYS A 182 10.69 -17.92 -19.13
CA CYS A 182 11.48 -17.48 -17.99
C CYS A 182 11.31 -18.47 -16.86
N ILE A 183 12.45 -18.85 -16.29
CA ILE A 183 12.57 -19.69 -15.12
C ILE A 183 13.09 -18.76 -14.01
N HIS A 184 12.38 -18.77 -12.87
CA HIS A 184 12.67 -17.97 -11.71
C HIS A 184 13.91 -18.40 -11.02
N ARG A 185 14.03 -19.74 -10.76
CA ARG A 185 15.12 -20.42 -10.06
C ARG A 185 15.16 -20.18 -8.51
N ASP A 186 14.29 -19.28 -7.97
CA ASP A 186 14.26 -19.00 -6.53
C ASP A 186 12.85 -18.58 -6.10
N LEU A 187 11.82 -19.36 -6.52
CA LEU A 187 10.43 -19.12 -6.15
C LEU A 187 10.23 -19.52 -4.68
N ALA A 188 9.99 -18.50 -3.84
CA ALA A 188 9.77 -18.66 -2.41
C ALA A 188 8.93 -17.50 -1.92
N ALA A 189 8.38 -17.58 -0.70
CA ALA A 189 7.55 -16.50 -0.13
C ALA A 189 8.34 -15.21 0.01
N ARG A 190 9.63 -15.31 0.30
CA ARG A 190 10.57 -14.19 0.42
C ARG A 190 10.76 -13.42 -0.90
N ASN A 191 10.39 -14.03 -2.06
CA ASN A 191 10.51 -13.46 -3.41
C ASN A 191 9.16 -13.13 -3.99
N ILE A 192 8.19 -12.87 -3.12
CA ILE A 192 6.83 -12.47 -3.46
C ILE A 192 6.58 -11.21 -2.64
N LEU A 193 6.18 -10.15 -3.30
CA LEU A 193 5.87 -8.91 -2.62
C LEU A 193 4.36 -8.79 -2.55
N LEU A 194 3.88 -8.00 -1.58
CA LEU A 194 2.46 -7.76 -1.40
C LEU A 194 2.21 -6.28 -1.49
N THR A 195 1.25 -5.92 -2.34
CA THR A 195 0.87 -4.54 -2.58
C THR A 195 -0.57 -4.34 -2.11
N HIS A 196 -1.18 -3.22 -2.43
CA HIS A 196 -2.54 -2.84 -2.02
C HIS A 196 -3.66 -3.66 -2.70
N GLY A 197 -4.62 -4.07 -1.90
CA GLY A 197 -5.77 -4.84 -2.35
C GLY A 197 -5.51 -6.32 -2.30
N ASN A 198 -4.58 -6.72 -1.40
CA ASN A 198 -4.10 -8.08 -1.19
C ASN A 198 -3.57 -8.69 -2.51
N ILE A 199 -2.83 -7.87 -3.29
CA ILE A 199 -2.24 -8.24 -4.57
C ILE A 199 -0.78 -8.69 -4.41
N THR A 200 -0.46 -9.93 -4.82
CA THR A 200 0.92 -10.44 -4.74
C THR A 200 1.67 -10.18 -6.07
N LYS A 201 2.98 -9.87 -5.97
CA LYS A 201 3.84 -9.57 -7.10
C LYS A 201 5.14 -10.32 -6.99
N ILE A 202 5.37 -11.27 -7.90
CA ILE A 202 6.59 -12.05 -7.93
C ILE A 202 7.78 -11.13 -8.22
N CYS A 203 8.84 -11.23 -7.42
CA CYS A 203 10.07 -10.45 -7.62
C CYS A 203 11.29 -11.35 -7.55
N ASP A 204 12.50 -10.78 -7.50
CA ASP A 204 13.73 -11.53 -7.37
C ASP A 204 14.78 -10.63 -6.77
N PHE A 205 14.92 -10.67 -5.44
CA PHE A 205 15.90 -9.85 -4.70
C PHE A 205 17.34 -10.19 -5.13
N GLY A 206 17.61 -11.49 -5.28
CA GLY A 206 18.90 -12.02 -5.70
C GLY A 206 20.07 -11.46 -4.95
N LEU A 207 20.80 -10.55 -5.61
CA LEU A 207 21.98 -9.92 -5.05
C LEU A 207 21.67 -8.92 -3.95
N ALA A 208 20.38 -8.56 -3.79
CA ALA A 208 19.92 -7.63 -2.76
C ALA A 208 19.43 -8.39 -1.50
N ARG A 209 19.80 -9.67 -1.41
CA ARG A 209 19.54 -10.55 -0.29
C ARG A 209 20.89 -11.05 0.24
N ASP A 210 21.06 -10.97 1.57
CA ASP A 210 22.25 -11.41 2.29
C ASP A 210 22.16 -12.93 2.47
N ILE A 211 22.38 -13.69 1.35
CA ILE A 211 22.28 -15.14 1.32
C ILE A 211 23.34 -15.82 2.20
N LYS A 212 24.48 -15.18 2.43
CA LYS A 212 25.56 -15.71 3.27
C LYS A 212 25.13 -15.82 4.73
N ASN A 213 24.13 -15.03 5.15
CA ASN A 213 23.64 -15.05 6.52
C ASN A 213 22.19 -15.53 6.64
N ASP A 214 21.53 -15.72 5.49
CA ASP A 214 20.15 -16.22 5.45
C ASP A 214 20.24 -17.74 5.59
N SER A 215 19.61 -18.27 6.66
CA SER A 215 19.62 -19.70 6.97
C SER A 215 18.80 -20.54 5.98
N ASN A 216 18.04 -19.90 5.07
CA ASN A 216 17.22 -20.57 4.06
C ASN A 216 18.03 -20.99 2.80
N TYR A 217 19.29 -20.53 2.74
CA TYR A 217 20.29 -20.81 1.73
C TYR A 217 21.35 -21.67 2.39
N VAL A 218 21.85 -22.65 1.63
CA VAL A 218 22.80 -23.63 2.11
C VAL A 218 24.01 -23.78 1.18
N ASP A 219 25.20 -24.06 1.77
CA ASP A 219 26.41 -24.28 1.01
C ASP A 219 26.34 -25.63 0.30
N LYS A 220 26.20 -25.59 -1.04
CA LYS A 220 26.18 -26.76 -1.94
C LYS A 220 27.32 -26.50 -2.93
N GLY A 221 28.45 -27.16 -2.67
CA GLY A 221 29.65 -26.96 -3.44
C GLY A 221 30.21 -25.57 -3.18
N ASN A 222 30.36 -24.78 -4.25
CA ASN A 222 30.89 -23.43 -4.15
C ASN A 222 29.78 -22.37 -4.15
N ALA A 223 28.52 -22.80 -4.04
CA ALA A 223 27.36 -21.90 -4.09
C ALA A 223 26.57 -21.89 -2.82
N ARG A 224 25.73 -20.87 -2.65
CA ARG A 224 24.83 -20.73 -1.50
C ARG A 224 23.41 -20.80 -2.14
N LEU A 225 22.81 -22.01 -2.11
CA LEU A 225 21.53 -22.29 -2.79
C LEU A 225 20.36 -22.54 -1.85
N PRO A 226 19.11 -22.17 -2.24
CA PRO A 226 17.95 -22.47 -1.38
C PRO A 226 17.44 -23.91 -1.53
N VAL A 227 18.28 -24.88 -1.09
CA VAL A 227 18.10 -26.32 -1.21
C VAL A 227 16.68 -26.82 -0.81
N LYS A 228 16.12 -26.32 0.31
CA LYS A 228 14.79 -26.76 0.75
C LYS A 228 13.65 -26.39 -0.23
N TRP A 229 13.92 -25.56 -1.24
CA TRP A 229 12.94 -25.17 -2.25
C TRP A 229 13.24 -25.81 -3.60
N MET A 230 14.39 -26.50 -3.72
CA MET A 230 14.86 -27.06 -4.98
C MET A 230 14.44 -28.50 -5.26
N ALA A 231 14.06 -28.75 -6.54
CA ALA A 231 13.66 -30.04 -7.09
C ALA A 231 14.88 -30.96 -7.12
N PRO A 232 14.72 -32.28 -6.95
CA PRO A 232 15.90 -33.17 -6.96
C PRO A 232 16.82 -32.99 -8.17
N GLU A 233 16.26 -32.87 -9.38
CA GLU A 233 17.04 -32.64 -10.59
C GLU A 233 17.89 -31.36 -10.49
N SER A 234 17.38 -30.25 -9.86
CA SER A 234 18.10 -28.98 -9.67
C SER A 234 19.25 -29.14 -8.70
N ILE A 235 19.08 -29.98 -7.66
CA ILE A 235 20.09 -30.24 -6.64
C ILE A 235 21.20 -31.10 -7.20
N PHE A 236 20.82 -32.23 -7.82
CA PHE A 236 21.75 -33.26 -8.28
C PHE A 236 22.28 -33.07 -9.70
N ASN A 237 21.72 -32.12 -10.49
CA ASN A 237 22.17 -31.92 -11.87
C ASN A 237 22.26 -30.45 -12.29
N SER A 238 21.93 -29.53 -11.36
CA SER A 238 21.90 -28.08 -11.60
C SER A 238 21.07 -27.70 -12.87
N VAL A 239 20.02 -28.52 -13.15
CA VAL A 239 19.11 -28.29 -14.26
C VAL A 239 17.87 -27.59 -13.73
N TYR A 240 17.57 -26.43 -14.32
CA TYR A 240 16.43 -25.63 -13.92
C TYR A 240 15.45 -25.55 -15.09
N THR A 241 14.23 -26.09 -14.91
CA THR A 241 13.18 -26.12 -15.94
C THR A 241 11.89 -25.45 -15.46
N PHE A 242 10.83 -25.50 -16.27
CA PHE A 242 9.50 -25.01 -15.90
C PHE A 242 9.02 -25.91 -14.75
N GLU A 243 9.36 -27.22 -14.84
CA GLU A 243 9.01 -28.28 -13.90
C GLU A 243 9.72 -28.12 -12.55
N SER A 244 10.95 -27.56 -12.54
CA SER A 244 11.70 -27.31 -11.31
C SER A 244 11.05 -26.12 -10.54
N ASP A 245 10.50 -25.12 -11.28
CA ASP A 245 9.81 -23.97 -10.67
C ASP A 245 8.48 -24.39 -10.03
N VAL A 246 7.82 -25.43 -10.61
CA VAL A 246 6.58 -25.98 -10.10
C VAL A 246 6.85 -26.61 -8.75
N TRP A 247 8.02 -27.33 -8.61
CA TRP A 247 8.42 -27.93 -7.34
C TRP A 247 8.53 -26.83 -6.26
N SER A 248 9.29 -25.76 -6.56
CA SER A 248 9.49 -24.60 -5.68
C SER A 248 8.14 -24.00 -5.25
N TYR A 249 7.18 -23.95 -6.18
CA TYR A 249 5.87 -23.39 -5.94
C TYR A 249 5.18 -24.21 -4.87
N GLY A 250 5.34 -25.53 -4.95
CA GLY A 250 4.78 -26.48 -3.99
C GLY A 250 5.34 -26.25 -2.61
N ILE A 251 6.62 -25.88 -2.54
CA ILE A 251 7.25 -25.55 -1.25
C ILE A 251 6.69 -24.20 -0.80
N PHE A 252 6.54 -23.23 -1.74
CA PHE A 252 5.93 -21.92 -1.41
C PHE A 252 4.55 -22.15 -0.78
N LEU A 253 3.74 -23.05 -1.38
CA LEU A 253 2.39 -23.34 -0.85
C LEU A 253 2.45 -23.79 0.60
N TRP A 254 3.49 -24.58 0.93
CA TRP A 254 3.70 -25.06 2.28
C TRP A 254 4.01 -23.89 3.19
N GLU A 255 4.91 -23.00 2.79
CA GLU A 255 5.27 -21.83 3.59
C GLU A 255 4.03 -20.98 3.86
N LEU A 256 3.16 -20.85 2.83
CA LEU A 256 1.94 -20.03 2.83
C LEU A 256 0.91 -20.51 3.83
N PHE A 257 0.59 -21.80 3.75
CA PHE A 257 -0.42 -22.40 4.63
C PHE A 257 0.13 -22.80 6.02
N SER A 258 1.42 -22.60 6.21
CA SER A 258 2.09 -22.80 7.48
C SER A 258 2.26 -21.43 8.16
N LEU A 259 1.79 -20.38 7.46
CA LEU A 259 1.84 -18.99 7.88
C LEU A 259 3.25 -18.49 8.13
N GLY A 260 4.14 -18.81 7.19
CA GLY A 260 5.54 -18.40 7.21
C GLY A 260 6.49 -19.35 7.89
N SER A 261 6.15 -20.65 8.01
CA SER A 261 7.10 -21.57 8.63
C SER A 261 8.18 -21.97 7.61
N SER A 262 9.37 -22.33 8.13
CA SER A 262 10.45 -22.77 7.26
C SER A 262 10.21 -24.21 6.83
N PRO A 263 10.36 -24.58 5.55
CA PRO A 263 10.11 -25.97 5.15
C PRO A 263 10.98 -26.99 5.87
N TYR A 264 10.50 -28.26 5.93
CA TYR A 264 11.18 -29.39 6.59
C TYR A 264 11.65 -28.94 7.97
N PRO A 265 10.72 -28.58 8.88
CA PRO A 265 11.13 -28.07 10.19
C PRO A 265 11.90 -29.11 11.01
N GLY A 266 12.98 -28.65 11.62
CA GLY A 266 13.83 -29.48 12.47
C GLY A 266 14.80 -30.37 11.72
N MET A 267 14.72 -30.35 10.37
CA MET A 267 15.55 -31.15 9.51
C MET A 267 16.66 -30.28 8.95
N PRO A 268 17.93 -30.55 9.30
CA PRO A 268 19.02 -29.74 8.73
C PRO A 268 19.34 -30.22 7.30
N VAL A 269 20.02 -29.35 6.51
CA VAL A 269 20.41 -29.73 5.16
C VAL A 269 21.75 -30.45 5.22
N ASP A 270 21.67 -31.77 5.41
CA ASP A 270 22.79 -32.68 5.58
C ASP A 270 22.67 -33.83 4.56
N SER A 271 23.54 -34.85 4.67
CA SER A 271 23.55 -36.03 3.82
C SER A 271 22.20 -36.76 3.91
N LYS A 272 21.65 -36.90 5.15
CA LYS A 272 20.37 -37.53 5.44
C LYS A 272 19.22 -36.81 4.73
N PHE A 273 19.27 -35.44 4.65
CA PHE A 273 18.24 -34.67 3.96
C PHE A 273 18.17 -35.05 2.49
N TYR A 274 19.32 -35.01 1.78
CA TYR A 274 19.40 -35.33 0.36
C TYR A 274 18.93 -36.74 0.06
N LYS A 275 19.38 -37.72 0.88
CA LYS A 275 19.01 -39.12 0.80
C LYS A 275 17.48 -39.26 0.89
N MET A 276 16.84 -38.59 1.89
CA MET A 276 15.40 -38.66 2.12
C MET A 276 14.57 -38.11 0.98
N ILE A 277 14.96 -36.97 0.38
CA ILE A 277 14.24 -36.38 -0.77
C ILE A 277 14.30 -37.31 -2.00
N LYS A 278 15.51 -37.84 -2.27
CA LYS A 278 15.79 -38.81 -3.33
C LYS A 278 14.89 -40.04 -3.13
N GLU A 279 14.75 -40.52 -1.85
CA GLU A 279 13.95 -41.69 -1.46
C GLU A 279 12.45 -41.46 -1.42
N GLY A 280 12.02 -40.21 -1.64
CA GLY A 280 10.61 -39.88 -1.68
C GLY A 280 9.99 -39.25 -0.45
N PHE A 281 10.78 -38.89 0.57
CA PHE A 281 10.24 -38.21 1.75
C PHE A 281 9.69 -36.85 1.31
N ARG A 282 8.48 -36.52 1.77
CA ARG A 282 7.87 -35.24 1.47
C ARG A 282 7.18 -34.74 2.72
N MET A 283 7.15 -33.42 2.88
CA MET A 283 6.48 -32.79 4.02
C MET A 283 5.01 -33.15 4.13
N SER A 284 4.48 -33.17 5.36
CA SER A 284 3.06 -33.38 5.48
C SER A 284 2.40 -32.00 5.31
N SER A 285 1.07 -31.98 5.24
CA SER A 285 0.28 -30.77 5.09
C SER A 285 0.50 -29.76 6.25
N PRO A 286 0.65 -28.46 5.91
CA PRO A 286 0.71 -27.43 6.97
C PRO A 286 -0.64 -27.39 7.69
N GLU A 287 -0.69 -26.85 8.91
CA GLU A 287 -1.91 -26.76 9.74
C GLU A 287 -3.13 -26.12 9.10
N TYR A 288 -2.96 -25.13 8.20
CA TYR A 288 -4.09 -24.39 7.61
C TYR A 288 -4.36 -24.69 6.14
N ALA A 289 -3.62 -25.64 5.55
CA ALA A 289 -3.79 -26.03 4.15
C ALA A 289 -5.04 -26.86 3.89
N PRO A 290 -6.01 -26.34 3.06
CA PRO A 290 -7.16 -27.16 2.68
C PRO A 290 -6.65 -28.44 2.02
N ALA A 291 -7.33 -29.55 2.25
CA ALA A 291 -6.93 -30.85 1.71
C ALA A 291 -6.55 -30.80 0.20
N GLU A 292 -7.35 -30.07 -0.61
CA GLU A 292 -7.19 -29.87 -2.04
C GLU A 292 -5.90 -29.10 -2.40
N MET A 293 -5.45 -28.20 -1.51
CA MET A 293 -4.21 -27.45 -1.74
C MET A 293 -3.03 -28.38 -1.49
N TYR A 294 -3.12 -29.25 -0.48
CA TYR A 294 -2.06 -30.22 -0.19
C TYR A 294 -1.86 -31.16 -1.40
N ASP A 295 -2.98 -31.49 -2.10
CA ASP A 295 -3.02 -32.31 -3.31
C ASP A 295 -2.16 -31.64 -4.38
N ILE A 296 -2.21 -30.29 -4.45
CA ILE A 296 -1.40 -29.53 -5.41
C ILE A 296 0.04 -29.70 -5.01
N MET A 297 0.36 -29.50 -3.71
CA MET A 297 1.74 -29.64 -3.19
C MET A 297 2.31 -31.04 -3.50
N LYS A 298 1.54 -32.13 -3.25
CA LYS A 298 2.01 -33.49 -3.53
C LYS A 298 2.38 -33.72 -4.99
N THR A 299 1.61 -33.12 -5.95
CA THR A 299 1.86 -33.24 -7.39
C THR A 299 3.06 -32.40 -7.84
N CYS A 300 3.25 -31.21 -7.25
CA CYS A 300 4.39 -30.35 -7.48
C CYS A 300 5.66 -31.07 -7.06
N TRP A 301 5.56 -31.92 -6.03
CA TRP A 301 6.71 -32.65 -5.49
C TRP A 301 6.91 -34.00 -6.10
N ASP A 302 6.25 -34.29 -7.24
CA ASP A 302 6.43 -35.59 -7.87
C ASP A 302 7.88 -35.76 -8.26
N ALA A 303 8.43 -36.96 -8.04
CA ALA A 303 9.83 -37.24 -8.37
C ALA A 303 10.03 -37.11 -9.87
N ASP A 304 9.00 -37.50 -10.66
CA ASP A 304 9.00 -37.41 -12.12
C ASP A 304 8.56 -35.99 -12.53
N PRO A 305 9.45 -35.17 -13.12
CA PRO A 305 9.04 -33.80 -13.53
C PRO A 305 7.88 -33.76 -14.51
N ASP A 306 7.74 -34.80 -15.33
CA ASP A 306 6.66 -34.90 -16.32
C ASP A 306 5.30 -35.16 -15.66
N LYS A 307 5.30 -35.70 -14.42
CA LYS A 307 4.08 -35.95 -13.65
C LYS A 307 3.60 -34.72 -12.84
N ARG A 308 4.45 -33.68 -12.77
CA ARG A 308 4.13 -32.42 -12.09
C ARG A 308 3.17 -31.59 -12.96
N PRO A 309 2.20 -30.85 -12.32
CA PRO A 309 1.32 -30.00 -13.12
C PRO A 309 2.05 -28.81 -13.73
N THR A 310 1.47 -28.19 -14.73
CA THR A 310 2.02 -26.97 -15.30
C THR A 310 1.39 -25.85 -14.46
N PHE A 311 1.97 -24.64 -14.46
CA PHE A 311 1.34 -23.53 -13.73
C PHE A 311 -0.07 -23.23 -14.22
N LYS A 312 -0.33 -23.40 -15.52
CA LYS A 312 -1.67 -23.18 -16.06
C LYS A 312 -2.67 -24.19 -15.49
N GLN A 313 -2.24 -25.45 -15.30
CA GLN A 313 -3.07 -26.49 -14.71
C GLN A 313 -3.40 -26.06 -13.28
N ILE A 314 -2.34 -25.67 -12.49
CA ILE A 314 -2.47 -25.18 -11.10
C ILE A 314 -3.50 -24.02 -11.01
N VAL A 315 -3.47 -23.07 -11.97
CA VAL A 315 -4.36 -21.90 -11.99
C VAL A 315 -5.79 -22.36 -12.06
N GLN A 316 -6.09 -23.27 -13.01
CA GLN A 316 -7.42 -23.85 -13.22
C GLN A 316 -7.92 -24.59 -11.98
N ASP A 317 -7.02 -25.34 -11.32
CA ASP A 317 -7.27 -26.09 -10.07
C ASP A 317 -7.72 -25.16 -8.95
N ILE A 318 -6.90 -24.11 -8.66
CA ILE A 318 -7.19 -23.13 -7.60
C ILE A 318 -8.45 -22.33 -7.93
N GLU A 319 -8.63 -21.95 -9.21
CA GLU A 319 -9.79 -21.19 -9.66
C GLU A 319 -11.10 -21.90 -9.25
N LYS A 320 -11.17 -23.23 -9.50
CA LYS A 320 -12.33 -24.07 -9.18
C LYS A 320 -12.54 -24.09 -7.65
N GLN A 321 -11.45 -24.29 -6.89
CA GLN A 321 -11.46 -24.31 -5.42
C GLN A 321 -12.03 -23.04 -4.82
N ILE A 322 -11.72 -21.90 -5.47
CA ILE A 322 -12.16 -20.56 -5.09
C ILE A 322 -13.67 -20.41 -5.33
N SER A 323 -14.16 -20.78 -6.54
CA SER A 323 -15.56 -20.68 -6.92
C SER A 323 -16.43 -21.47 -5.97
N GLU A 324 -15.98 -22.71 -5.64
CA GLU A 324 -16.63 -23.67 -4.73
C GLU A 324 -16.81 -23.14 -3.29
N SER A 325 -16.09 -22.04 -2.94
CA SER A 325 -16.17 -21.38 -1.64
C SER A 325 -16.81 -19.96 -1.73
N ASP B 26 -15.87 30.75 -5.28
CA ASP B 26 -16.98 30.13 -6.00
C ASP B 26 -16.43 29.16 -7.04
N PRO B 27 -16.60 27.83 -6.81
CA PRO B 27 -16.00 26.83 -7.71
C PRO B 27 -16.58 26.78 -9.12
N THR B 28 -17.83 27.24 -9.30
CA THR B 28 -18.47 27.26 -10.62
C THR B 28 -17.76 28.29 -11.53
N GLN B 29 -17.27 29.40 -10.94
CA GLN B 29 -16.51 30.44 -11.65
C GLN B 29 -15.05 30.03 -11.85
N LEU B 30 -14.58 28.98 -11.13
CA LEU B 30 -13.23 28.43 -11.26
C LEU B 30 -13.11 27.65 -12.55
N PRO B 31 -11.94 27.67 -13.23
CA PRO B 31 -11.82 26.91 -14.48
C PRO B 31 -11.35 25.46 -14.29
N TYR B 32 -11.53 24.66 -15.37
CA TYR B 32 -11.07 23.28 -15.43
C TYR B 32 -10.14 23.12 -16.65
N ASP B 33 -8.84 22.93 -16.35
CA ASP B 33 -7.79 22.76 -17.35
C ASP B 33 -7.98 21.41 -18.01
N HIS B 34 -8.02 21.37 -19.34
CA HIS B 34 -8.19 20.10 -20.03
C HIS B 34 -6.90 19.27 -20.06
N LYS B 35 -5.87 19.76 -19.35
CA LYS B 35 -4.59 19.07 -19.23
C LYS B 35 -4.72 17.90 -18.30
N TRP B 36 -5.83 17.90 -17.54
CA TRP B 36 -6.22 16.87 -16.60
C TRP B 36 -6.93 15.72 -17.30
N GLU B 37 -7.66 16.02 -18.41
CA GLU B 37 -8.41 15.05 -19.19
C GLU B 37 -7.62 13.77 -19.48
N PHE B 38 -8.13 12.66 -18.94
CA PHE B 38 -7.54 11.32 -19.04
C PHE B 38 -8.53 10.37 -19.78
N PRO B 39 -8.06 9.52 -20.72
CA PRO B 39 -8.98 8.60 -21.41
C PRO B 39 -9.55 7.54 -20.46
N ARG B 40 -10.89 7.46 -20.31
CA ARG B 40 -11.47 6.49 -19.38
C ARG B 40 -11.28 5.02 -19.81
N ASN B 41 -11.01 4.78 -21.11
CA ASN B 41 -10.73 3.43 -21.64
C ASN B 41 -9.44 2.87 -21.04
N ARG B 42 -8.53 3.77 -20.67
CA ARG B 42 -7.22 3.50 -20.08
C ARG B 42 -7.26 3.25 -18.55
N LEU B 43 -8.49 3.19 -17.97
CA LEU B 43 -8.73 2.91 -16.56
C LEU B 43 -9.33 1.52 -16.40
N SER B 44 -8.65 0.65 -15.65
CA SER B 44 -9.14 -0.69 -15.32
C SER B 44 -9.55 -0.66 -13.83
N PHE B 45 -10.85 -0.81 -13.54
CA PHE B 45 -11.34 -0.70 -12.15
C PHE B 45 -11.16 -1.94 -11.31
N GLY B 46 -10.92 -1.70 -10.04
CA GLY B 46 -10.80 -2.73 -9.02
C GLY B 46 -11.86 -2.62 -7.95
N LYS B 47 -11.45 -2.86 -6.67
CA LYS B 47 -12.29 -2.85 -5.47
C LYS B 47 -12.76 -1.45 -5.06
N THR B 48 -13.94 -1.38 -4.42
CA THR B 48 -14.49 -0.14 -3.90
C THR B 48 -13.80 0.13 -2.57
N LEU B 49 -13.22 1.33 -2.44
CA LEU B 49 -12.50 1.73 -1.23
C LEU B 49 -13.44 2.37 -0.19
N GLY B 50 -14.55 2.92 -0.67
CA GLY B 50 -15.58 3.55 0.15
C GLY B 50 -16.78 3.95 -0.69
N ALA B 51 -17.98 3.90 -0.09
CA ALA B 51 -19.19 4.29 -0.80
C ALA B 51 -20.22 4.89 0.13
N GLY B 52 -20.93 5.89 -0.40
CA GLY B 52 -22.03 6.60 0.26
C GLY B 52 -23.31 6.36 -0.49
N ALA B 53 -24.35 7.15 -0.22
CA ALA B 53 -25.63 6.96 -0.89
C ALA B 53 -25.55 7.29 -2.37
N PHE B 54 -24.84 8.37 -2.72
CA PHE B 54 -24.74 8.92 -4.09
C PHE B 54 -23.38 8.83 -4.77
N GLY B 55 -22.37 8.39 -4.06
CA GLY B 55 -21.02 8.29 -4.63
C GLY B 55 -20.14 7.21 -4.05
N LYS B 56 -19.02 6.98 -4.72
CA LYS B 56 -18.05 5.98 -4.29
C LYS B 56 -16.62 6.36 -4.72
N VAL B 57 -15.63 5.80 -4.02
CA VAL B 57 -14.22 5.88 -4.36
C VAL B 57 -13.85 4.44 -4.68
N VAL B 58 -13.38 4.20 -5.91
CA VAL B 58 -13.00 2.86 -6.39
C VAL B 58 -11.49 2.86 -6.71
N GLU B 59 -10.77 1.76 -6.39
CA GLU B 59 -9.35 1.60 -6.73
C GLU B 59 -9.31 1.28 -8.21
N ALA B 60 -8.33 1.82 -8.95
CA ALA B 60 -8.20 1.54 -10.37
C ALA B 60 -6.74 1.53 -10.81
N THR B 61 -6.48 0.90 -11.95
CA THR B 61 -5.16 0.85 -12.57
C THR B 61 -5.23 1.71 -13.82
N ALA B 62 -4.46 2.80 -13.82
CA ALA B 62 -4.40 3.76 -14.91
C ALA B 62 -3.21 3.45 -15.81
N GLN B 63 -3.51 3.21 -17.08
CA GLN B 63 -2.50 2.93 -18.10
C GLN B 63 -2.13 4.22 -18.83
N GLY B 64 -0.83 4.40 -19.06
CA GLY B 64 -0.28 5.55 -19.77
C GLY B 64 -0.20 6.84 -18.99
N LEU B 65 -0.34 6.77 -17.67
CA LEU B 65 -0.24 7.93 -16.80
C LEU B 65 1.24 8.27 -16.52
N ILE B 66 2.14 7.29 -16.76
CA ILE B 66 3.60 7.43 -16.62
C ILE B 66 4.18 7.55 -18.03
N LYS B 67 5.32 8.28 -18.17
CA LYS B 67 6.01 8.51 -19.44
C LYS B 67 6.32 7.20 -20.18
N SER B 68 6.81 6.19 -19.44
CA SER B 68 7.12 4.86 -19.94
C SER B 68 5.91 3.93 -20.08
N ASP B 69 4.66 4.38 -20.26
CA ASP B 69 3.51 3.47 -20.52
C ASP B 69 3.35 2.27 -19.49
N ALA B 70 4.16 2.29 -18.41
CA ALA B 70 4.10 1.44 -17.22
C ALA B 70 2.73 1.78 -16.55
N ALA B 71 2.04 0.79 -15.95
CA ALA B 71 0.74 0.97 -15.28
C ALA B 71 0.91 1.62 -13.88
N MET B 72 -0.19 2.12 -13.30
CA MET B 72 -0.14 2.81 -12.02
C MET B 72 -1.45 2.74 -11.26
N THR B 73 -1.38 2.53 -9.95
CA THR B 73 -2.56 2.46 -9.11
C THR B 73 -3.00 3.86 -8.68
N VAL B 74 -4.29 4.14 -8.89
CA VAL B 74 -4.96 5.41 -8.60
C VAL B 74 -6.25 5.16 -7.83
N ALA B 75 -6.86 6.24 -7.31
CA ALA B 75 -8.14 6.22 -6.60
C ALA B 75 -9.09 7.09 -7.44
N VAL B 76 -10.26 6.54 -7.78
CA VAL B 76 -11.24 7.23 -8.63
C VAL B 76 -12.52 7.51 -7.87
N LYS B 77 -12.87 8.81 -7.71
CA LYS B 77 -14.12 9.24 -7.08
C LYS B 77 -15.09 9.44 -8.22
N MET B 78 -16.31 8.92 -8.05
CA MET B 78 -17.38 9.00 -9.05
C MET B 78 -18.72 8.93 -8.37
N LEU B 79 -19.78 9.23 -9.10
CA LEU B 79 -21.12 9.13 -8.57
C LEU B 79 -21.81 7.82 -8.96
N LYS B 80 -22.86 7.46 -8.21
CA LYS B 80 -23.68 6.25 -8.43
C LYS B 80 -24.92 6.63 -9.26
N PRO B 81 -25.63 5.67 -9.93
CA PRO B 81 -26.84 6.04 -10.69
C PRO B 81 -27.93 6.64 -9.83
N SER B 82 -27.78 6.52 -8.49
CA SER B 82 -28.68 7.02 -7.46
C SER B 82 -28.59 8.54 -7.35
N ALA B 83 -27.49 9.14 -7.83
CA ALA B 83 -27.24 10.58 -7.76
C ALA B 83 -28.11 11.43 -8.69
N HIS B 84 -28.42 12.65 -8.21
CA HIS B 84 -29.22 13.68 -8.87
C HIS B 84 -28.34 14.82 -9.42
N SER B 85 -28.96 15.88 -9.97
CA SER B 85 -28.22 17.00 -10.56
C SER B 85 -27.39 17.79 -9.56
N THR B 86 -27.86 17.93 -8.31
CA THR B 86 -27.11 18.69 -7.29
C THR B 86 -25.78 18.00 -6.92
N GLU B 87 -25.74 16.64 -6.89
CA GLU B 87 -24.56 15.81 -6.58
C GLU B 87 -23.60 15.85 -7.74
N ARG B 88 -24.16 15.84 -8.97
CA ARG B 88 -23.44 15.87 -10.23
C ARG B 88 -22.63 17.14 -10.32
N GLU B 89 -23.27 18.25 -9.93
CA GLU B 89 -22.71 19.59 -9.88
C GLU B 89 -21.72 19.74 -8.72
N ALA B 90 -21.92 18.98 -7.62
CA ALA B 90 -21.04 18.98 -6.46
C ALA B 90 -19.70 18.32 -6.80
N LEU B 91 -19.75 17.18 -7.51
CA LEU B 91 -18.57 16.45 -7.96
C LEU B 91 -17.75 17.30 -8.94
N MET B 92 -18.44 18.08 -9.82
CA MET B 92 -17.80 18.98 -10.79
C MET B 92 -17.09 20.13 -10.07
N SER B 93 -17.77 20.76 -9.08
CA SER B 93 -17.21 21.85 -8.30
C SER B 93 -16.01 21.34 -7.50
N GLU B 94 -16.09 20.09 -6.98
CA GLU B 94 -15.00 19.43 -6.23
C GLU B 94 -13.77 19.24 -7.15
N LEU B 95 -14.03 18.90 -8.43
CA LEU B 95 -13.01 18.73 -9.46
C LEU B 95 -12.34 20.08 -9.76
N LYS B 96 -13.13 21.15 -9.96
CA LYS B 96 -12.63 22.50 -10.24
C LYS B 96 -11.70 23.04 -9.13
N VAL B 97 -12.01 22.70 -7.86
CA VAL B 97 -11.28 23.06 -6.63
C VAL B 97 -9.95 22.30 -6.51
N LEU B 98 -9.95 21.00 -6.83
CA LEU B 98 -8.75 20.16 -6.81
C LEU B 98 -7.80 20.59 -7.92
N SER B 99 -8.36 20.98 -9.09
CA SER B 99 -7.61 21.49 -10.24
C SER B 99 -6.94 22.83 -9.83
N TYR B 100 -7.72 23.70 -9.15
CA TYR B 100 -7.35 25.03 -8.64
C TYR B 100 -6.22 25.02 -7.58
N LEU B 101 -6.29 24.08 -6.62
CA LEU B 101 -5.32 23.99 -5.52
C LEU B 101 -3.93 23.58 -6.00
N GLY B 102 -3.89 22.61 -6.90
CA GLY B 102 -2.65 22.08 -7.45
C GLY B 102 -1.90 21.24 -6.44
N ASN B 103 -0.63 20.95 -6.76
CA ASN B 103 0.25 20.12 -5.95
C ASN B 103 0.59 20.71 -4.60
N HIS B 104 0.53 19.84 -3.57
CA HIS B 104 0.91 20.03 -2.18
C HIS B 104 1.06 18.65 -1.56
N GLU B 105 2.16 18.45 -0.83
CA GLU B 105 2.54 17.18 -0.19
C GLU B 105 1.50 16.64 0.80
N ASN B 106 0.78 17.51 1.53
CA ASN B 106 -0.17 17.11 2.58
C ASN B 106 -1.65 17.14 2.19
N ILE B 107 -1.91 17.16 0.88
CA ILE B 107 -3.22 17.17 0.25
C ILE B 107 -3.19 16.00 -0.75
N VAL B 108 -4.33 15.31 -0.98
CA VAL B 108 -4.35 14.26 -2.02
C VAL B 108 -4.23 14.99 -3.35
N ASN B 109 -3.22 14.60 -4.14
CA ASN B 109 -2.97 15.27 -5.40
C ASN B 109 -3.76 14.60 -6.53
N LEU B 110 -4.47 15.45 -7.29
CA LEU B 110 -5.27 15.10 -8.45
C LEU B 110 -4.30 14.72 -9.56
N LEU B 111 -4.58 13.63 -10.26
CA LEU B 111 -3.73 13.11 -11.34
C LEU B 111 -4.32 13.33 -12.72
N GLY B 112 -5.65 13.35 -12.79
CA GLY B 112 -6.43 13.52 -14.00
C GLY B 112 -7.92 13.40 -13.73
N ALA B 113 -8.73 13.51 -14.81
CA ALA B 113 -10.19 13.42 -14.74
C ALA B 113 -10.78 13.00 -16.07
N CYS B 114 -12.02 12.51 -16.04
CA CYS B 114 -12.80 12.12 -17.22
C CYS B 114 -14.09 12.91 -17.14
N THR B 115 -14.29 13.88 -18.04
CA THR B 115 -15.50 14.72 -18.07
C THR B 115 -16.40 14.32 -19.24
N HIS B 116 -15.79 13.97 -20.39
CA HIS B 116 -16.47 13.48 -21.60
C HIS B 116 -16.53 11.95 -21.59
N GLY B 117 -17.39 11.39 -22.43
CA GLY B 117 -17.53 9.95 -22.60
C GLY B 117 -18.39 9.25 -21.57
N GLY B 118 -19.02 10.02 -20.70
CA GLY B 118 -19.89 9.50 -19.65
C GLY B 118 -19.82 10.27 -18.35
N PRO B 119 -20.05 9.56 -17.20
CA PRO B 119 -20.01 10.23 -15.89
C PRO B 119 -18.64 10.76 -15.50
N THR B 120 -18.62 11.91 -14.81
CA THR B 120 -17.37 12.54 -14.38
C THR B 120 -16.65 11.66 -13.34
N LEU B 121 -15.34 11.44 -13.59
CA LEU B 121 -14.44 10.63 -12.77
C LEU B 121 -13.29 11.53 -12.29
N VAL B 122 -13.08 11.58 -10.95
CA VAL B 122 -12.00 12.36 -10.34
C VAL B 122 -10.88 11.39 -9.92
N ILE B 123 -9.73 11.46 -10.63
CA ILE B 123 -8.59 10.56 -10.41
C ILE B 123 -7.54 11.22 -9.54
N THR B 124 -7.28 10.64 -8.37
CA THR B 124 -6.24 11.15 -7.47
C THR B 124 -5.20 10.05 -7.25
N GLU B 125 -4.16 10.34 -6.46
CA GLU B 125 -3.12 9.37 -6.10
C GLU B 125 -3.70 8.34 -5.13
N TYR B 126 -3.10 7.14 -5.10
CA TYR B 126 -3.58 6.10 -4.19
C TYR B 126 -2.69 6.12 -2.99
N CYS B 127 -3.31 6.29 -1.80
CA CYS B 127 -2.62 6.32 -0.50
C CYS B 127 -2.83 4.93 0.08
N CYS B 128 -1.80 4.10 -0.03
CA CYS B 128 -1.81 2.67 0.30
C CYS B 128 -2.22 2.29 1.70
N TYR B 129 -2.08 3.18 2.69
CA TYR B 129 -2.43 2.84 4.07
C TYR B 129 -3.86 3.29 4.46
N GLY B 130 -4.58 3.93 3.51
CA GLY B 130 -5.97 4.34 3.68
C GLY B 130 -6.17 5.45 4.66
N ASP B 131 -7.38 5.57 5.21
CA ASP B 131 -7.67 6.64 6.17
C ASP B 131 -6.97 6.43 7.50
N LEU B 132 -6.56 7.56 8.10
CA LEU B 132 -5.82 7.65 9.35
C LEU B 132 -6.58 7.11 10.54
N LEU B 133 -7.90 7.33 10.59
CA LEU B 133 -8.70 6.84 11.70
C LEU B 133 -8.54 5.33 11.90
N ASN B 134 -8.75 4.56 10.82
CA ASN B 134 -8.66 3.10 10.86
C ASN B 134 -7.25 2.64 11.07
N PHE B 135 -6.27 3.38 10.54
CA PHE B 135 -4.86 3.12 10.76
C PHE B 135 -4.57 3.22 12.24
N LEU B 136 -4.98 4.34 12.86
CA LEU B 136 -4.79 4.58 14.29
C LEU B 136 -5.38 3.50 15.15
N ARG B 137 -6.58 3.04 14.79
CA ARG B 137 -7.28 1.98 15.48
C ARG B 137 -6.56 0.64 15.35
N ARG B 138 -6.12 0.25 14.15
CA ARG B 138 -5.44 -1.04 14.02
C ARG B 138 -4.03 -1.02 14.63
N LYS B 139 -3.39 0.16 14.69
CA LYS B 139 -2.05 0.28 15.26
C LYS B 139 -2.07 0.55 16.77
N ARG B 140 -3.24 0.94 17.33
CA ARG B 140 -3.51 1.29 18.72
C ARG B 140 -2.84 0.37 19.77
N ASP B 141 -3.00 -0.94 19.60
CA ASP B 141 -2.44 -1.94 20.50
C ASP B 141 -0.92 -2.14 20.40
N GLU B 142 -0.29 -1.61 19.36
CA GLU B 142 1.16 -1.72 19.21
C GLU B 142 1.89 -0.37 19.34
N PHE B 143 1.18 0.69 19.82
CA PHE B 143 1.77 2.01 20.03
C PHE B 143 2.81 2.04 21.16
N VAL B 144 3.94 2.70 20.88
CA VAL B 144 5.07 2.83 21.80
C VAL B 144 5.29 4.33 22.07
N PRO B 145 5.00 4.81 23.31
CA PRO B 145 5.15 6.25 23.59
C PRO B 145 6.58 6.79 23.44
N TYR B 146 7.61 5.99 23.78
CA TYR B 146 8.99 6.39 23.54
C TYR B 146 9.93 5.25 23.21
N LYS B 147 10.72 5.40 22.12
CA LYS B 147 11.75 4.48 21.60
C LYS B 147 12.08 4.80 20.11
N ASP B 156 7.39 -2.15 12.66
CA ASP B 156 6.90 -0.82 12.27
C ASP B 156 5.95 -0.33 13.37
N PHE B 157 6.50 -0.14 14.58
CA PHE B 157 5.73 0.35 15.72
C PHE B 157 5.37 1.80 15.56
N LEU B 158 4.14 2.16 15.95
CA LEU B 158 3.70 3.57 15.93
C LEU B 158 4.24 4.25 17.21
N THR B 159 4.96 5.37 17.04
CA THR B 159 5.59 6.11 18.13
C THR B 159 4.96 7.48 18.31
N LEU B 160 5.37 8.20 19.36
CA LEU B 160 4.89 9.56 19.60
C LEU B 160 5.44 10.52 18.51
N GLU B 161 6.63 10.19 17.99
CA GLU B 161 7.31 10.90 16.92
C GLU B 161 6.41 10.94 15.67
N HIS B 162 5.74 9.79 15.34
CA HIS B 162 4.82 9.69 14.20
C HIS B 162 3.61 10.56 14.43
N LEU B 163 3.06 10.54 15.66
CA LEU B 163 1.90 11.36 16.00
C LEU B 163 2.21 12.83 15.85
N LEU B 164 3.40 13.28 16.29
CA LEU B 164 3.78 14.69 16.11
C LEU B 164 3.94 15.05 14.63
N SER B 165 4.50 14.12 13.84
CA SER B 165 4.70 14.27 12.41
C SER B 165 3.35 14.38 11.74
N PHE B 166 2.35 13.58 12.18
CA PHE B 166 1.00 13.63 11.60
C PHE B 166 0.29 14.91 11.99
N SER B 167 0.45 15.40 13.25
CA SER B 167 -0.17 16.64 13.68
C SER B 167 0.41 17.86 12.93
N TYR B 168 1.72 17.83 12.63
CA TYR B 168 2.40 18.89 11.89
C TYR B 168 1.97 18.92 10.42
N GLN B 169 1.97 17.76 9.77
CA GLN B 169 1.57 17.60 8.39
C GLN B 169 0.14 18.02 8.15
N VAL B 170 -0.79 17.70 9.08
CA VAL B 170 -2.17 18.09 8.87
C VAL B 170 -2.34 19.62 9.01
N ALA B 171 -1.58 20.24 9.90
CA ALA B 171 -1.63 21.69 10.05
C ALA B 171 -1.03 22.34 8.82
N LYS B 172 0.08 21.77 8.27
CA LYS B 172 0.74 22.27 7.04
C LYS B 172 -0.26 22.22 5.89
N GLY B 173 -0.94 21.09 5.72
CA GLY B 173 -1.95 20.89 4.71
C GLY B 173 -3.11 21.84 4.82
N MET B 174 -3.58 22.07 6.05
CA MET B 174 -4.69 22.98 6.36
C MET B 174 -4.32 24.43 6.17
N ALA B 175 -3.07 24.77 6.52
CA ALA B 175 -2.51 26.10 6.33
C ALA B 175 -2.50 26.40 4.84
N PHE B 176 -2.18 25.39 3.99
CA PHE B 176 -2.15 25.51 2.55
C PHE B 176 -3.56 25.81 2.04
N LEU B 177 -4.52 24.91 2.38
CA LEU B 177 -5.94 25.04 2.04
C LEU B 177 -6.45 26.44 2.39
N ALA B 178 -6.18 26.89 3.64
CA ALA B 178 -6.59 28.19 4.15
C ALA B 178 -6.01 29.34 3.34
N SER B 179 -4.74 29.25 2.90
CA SER B 179 -4.12 30.29 2.09
C SER B 179 -4.79 30.43 0.71
N LYS B 180 -5.46 29.35 0.24
CA LYS B 180 -6.19 29.26 -1.02
C LYS B 180 -7.70 29.55 -0.82
N ASN B 181 -8.07 30.07 0.37
CA ASN B 181 -9.44 30.44 0.77
C ASN B 181 -10.44 29.29 0.70
N CYS B 182 -9.93 28.08 0.97
CA CYS B 182 -10.74 26.87 1.01
C CYS B 182 -11.01 26.47 2.45
N ILE B 183 -12.28 26.14 2.73
CA ILE B 183 -12.75 25.63 4.01
C ILE B 183 -13.13 24.18 3.74
N HIS B 184 -12.58 23.27 4.59
CA HIS B 184 -12.79 21.84 4.50
C HIS B 184 -14.20 21.44 4.86
N ARG B 185 -14.71 21.95 6.01
CA ARG B 185 -16.03 21.71 6.61
C ARG B 185 -16.17 20.32 7.31
N ASP B 186 -15.18 19.42 7.14
CA ASP B 186 -15.25 18.07 7.73
C ASP B 186 -13.86 17.52 8.03
N LEU B 187 -13.03 18.35 8.70
CA LEU B 187 -11.68 17.97 9.10
C LEU B 187 -11.77 16.95 10.26
N ALA B 188 -11.42 15.69 9.93
CA ALA B 188 -11.45 14.56 10.83
C ALA B 188 -10.42 13.60 10.39
N ALA B 189 -10.03 12.68 11.28
CA ALA B 189 -9.02 11.66 11.01
C ALA B 189 -9.50 10.70 9.95
N ARG B 190 -10.82 10.55 9.80
CA ARG B 190 -11.45 9.78 8.72
C ARG B 190 -11.26 10.42 7.32
N ASN B 191 -10.91 11.73 7.29
CA ASN B 191 -10.70 12.52 6.08
C ASN B 191 -9.24 12.89 5.92
N ILE B 192 -8.34 12.06 6.47
CA ILE B 192 -6.89 12.18 6.34
C ILE B 192 -6.46 10.79 5.88
N LEU B 193 -5.70 10.74 4.79
CA LEU B 193 -5.18 9.49 4.27
C LEU B 193 -3.72 9.39 4.62
N LEU B 194 -3.20 8.17 4.67
CA LEU B 194 -1.78 7.92 4.98
C LEU B 194 -1.15 7.13 3.84
N THR B 195 0.04 7.58 3.38
CA THR B 195 0.79 6.98 2.26
C THR B 195 2.23 6.60 2.72
N HIS B 196 3.14 6.31 1.77
CA HIS B 196 4.53 5.93 2.03
C HIS B 196 5.27 7.04 2.76
N GLY B 197 6.21 6.66 3.59
CA GLY B 197 7.07 7.56 4.36
C GLY B 197 6.34 8.33 5.44
N ASN B 198 5.31 7.71 6.07
CA ASN B 198 4.52 8.31 7.17
C ASN B 198 3.99 9.70 6.80
N ILE B 199 3.52 9.83 5.54
CA ILE B 199 3.00 11.07 4.97
C ILE B 199 1.47 11.10 4.98
N THR B 200 0.90 12.10 5.67
CA THR B 200 -0.56 12.26 5.71
C THR B 200 -1.03 13.17 4.57
N LYS B 201 -2.22 12.89 4.03
CA LYS B 201 -2.83 13.63 2.94
C LYS B 201 -4.29 13.92 3.24
N ILE B 202 -4.62 15.20 3.39
CA ILE B 202 -5.99 15.64 3.62
C ILE B 202 -6.86 15.30 2.39
N CYS B 203 -8.01 14.65 2.62
CA CYS B 203 -8.96 14.32 1.57
C CYS B 203 -10.38 14.71 1.99
N ASP B 204 -11.38 14.32 1.20
CA ASP B 204 -12.76 14.62 1.51
C ASP B 204 -13.62 13.61 0.79
N PHE B 205 -13.96 12.51 1.50
CA PHE B 205 -14.78 11.44 0.94
C PHE B 205 -16.17 11.94 0.56
N GLY B 206 -16.74 12.80 1.41
CA GLY B 206 -18.04 13.42 1.22
C GLY B 206 -19.15 12.46 0.81
N LEU B 207 -19.52 12.49 -0.48
CA LEU B 207 -20.57 11.65 -1.03
C LEU B 207 -20.17 10.18 -1.11
N ALA B 208 -18.87 9.86 -0.93
CA ALA B 208 -18.33 8.50 -0.97
C ALA B 208 -18.24 7.90 0.45
N ARG B 209 -18.94 8.55 1.40
CA ARG B 209 -19.07 8.13 2.78
C ARG B 209 -20.55 7.92 3.07
N ASP B 210 -20.88 6.76 3.68
CA ASP B 210 -22.24 6.38 4.09
C ASP B 210 -22.51 7.05 5.45
N ILE B 211 -22.80 8.37 5.41
CA ILE B 211 -23.03 9.19 6.60
C ILE B 211 -24.33 8.82 7.32
N LYS B 212 -25.28 8.23 6.60
CA LYS B 212 -26.56 7.78 7.13
C LYS B 212 -26.37 6.62 8.11
N ASN B 213 -25.26 5.89 8.01
CA ASN B 213 -24.97 4.74 8.88
C ASN B 213 -23.73 4.94 9.74
N ASP B 214 -22.97 6.02 9.48
CA ASP B 214 -21.78 6.35 10.25
C ASP B 214 -22.26 7.02 11.54
N SER B 215 -21.90 6.43 12.69
CA SER B 215 -22.29 6.93 14.02
C SER B 215 -21.59 8.23 14.42
N ASN B 216 -20.58 8.67 13.63
CA ASN B 216 -19.81 9.92 13.87
C ASN B 216 -20.53 11.17 13.34
N TYR B 217 -21.61 10.94 12.59
CA TYR B 217 -22.54 11.91 12.00
C TYR B 217 -23.85 11.77 12.77
N VAL B 218 -24.48 12.92 13.04
CA VAL B 218 -25.67 13.01 13.85
C VAL B 218 -26.78 13.81 13.14
N ASP B 219 -28.04 13.43 13.36
CA ASP B 219 -29.18 14.14 12.82
C ASP B 219 -29.37 15.48 13.53
N LYS B 220 -29.08 16.57 12.82
CA LYS B 220 -29.24 17.95 13.27
C LYS B 220 -30.15 18.60 12.23
N GLY B 221 -31.43 18.70 12.59
CA GLY B 221 -32.43 19.23 11.68
C GLY B 221 -32.63 18.26 10.54
N ASN B 222 -32.45 18.76 9.31
CA ASN B 222 -32.64 17.96 8.10
C ASN B 222 -31.31 17.41 7.55
N ALA B 223 -30.23 17.53 8.33
CA ALA B 223 -28.93 17.10 7.89
C ALA B 223 -28.32 16.04 8.79
N ARG B 224 -27.25 15.40 8.31
CA ARG B 224 -26.47 14.41 9.05
C ARG B 224 -25.08 15.04 9.12
N LEU B 225 -24.80 15.67 10.26
CA LEU B 225 -23.57 16.43 10.45
C LEU B 225 -22.60 15.82 11.50
N PRO B 226 -21.26 16.02 11.34
CA PRO B 226 -20.32 15.48 12.34
C PRO B 226 -20.19 16.40 13.55
N VAL B 227 -21.26 16.51 14.33
CA VAL B 227 -21.44 17.42 15.47
C VAL B 227 -20.25 17.43 16.45
N LYS B 228 -19.71 16.25 16.82
CA LYS B 228 -18.59 16.19 17.77
C LYS B 228 -17.26 16.85 17.25
N TRP B 229 -17.22 17.22 15.96
CA TRP B 229 -16.06 17.90 15.34
C TRP B 229 -16.36 19.36 15.03
N MET B 230 -17.63 19.78 15.22
CA MET B 230 -18.09 21.11 14.87
C MET B 230 -18.00 22.16 15.99
N ALA B 231 -17.57 23.36 15.58
CA ALA B 231 -17.45 24.54 16.41
C ALA B 231 -18.86 25.00 16.80
N PRO B 232 -19.06 25.60 17.99
CA PRO B 232 -20.41 26.06 18.37
C PRO B 232 -21.10 26.93 17.32
N GLU B 233 -20.40 27.91 16.71
CA GLU B 233 -20.97 28.73 15.64
C GLU B 233 -21.48 27.87 14.43
N SER B 234 -20.78 26.77 14.05
CA SER B 234 -21.18 25.86 12.95
C SER B 234 -22.45 25.08 13.31
N ILE B 235 -22.59 24.71 14.59
CA ILE B 235 -23.73 23.96 15.08
C ILE B 235 -24.96 24.86 15.18
N PHE B 236 -24.80 26.02 15.83
CA PHE B 236 -25.89 26.94 16.15
C PHE B 236 -26.20 27.97 15.07
N ASN B 237 -25.35 28.10 14.03
CA ASN B 237 -25.60 29.10 12.96
C ASN B 237 -25.28 28.61 11.56
N SER B 238 -24.83 27.35 11.42
CA SER B 238 -24.41 26.71 10.17
C SER B 238 -23.37 27.56 9.37
N VAL B 239 -22.55 28.33 10.12
CA VAL B 239 -21.48 29.16 9.57
C VAL B 239 -20.17 28.42 9.65
N TYR B 240 -19.52 28.28 8.50
CA TYR B 240 -18.24 27.59 8.37
C TYR B 240 -17.15 28.59 7.94
N THR B 241 -16.14 28.79 8.80
CA THR B 241 -15.04 29.74 8.57
C THR B 241 -13.68 29.06 8.67
N PHE B 242 -12.59 29.83 8.54
CA PHE B 242 -11.24 29.33 8.73
C PHE B 242 -11.12 28.91 10.20
N GLU B 243 -11.79 29.67 11.09
CA GLU B 243 -11.83 29.48 12.55
C GLU B 243 -12.59 28.23 12.97
N SER B 244 -13.64 27.84 12.19
CA SER B 244 -14.41 26.63 12.46
C SER B 244 -13.56 25.39 12.11
N ASP B 245 -12.69 25.47 11.07
CA ASP B 245 -11.79 24.38 10.67
C ASP B 245 -10.70 24.15 11.71
N VAL B 246 -10.27 25.25 12.40
CA VAL B 246 -9.26 25.20 13.47
C VAL B 246 -9.85 24.40 14.64
N TRP B 247 -11.15 24.61 14.97
CA TRP B 247 -11.84 23.86 16.02
C TRP B 247 -11.78 22.36 15.71
N SER B 248 -12.20 21.98 14.48
CA SER B 248 -12.20 20.60 13.97
C SER B 248 -10.80 19.98 14.09
N TYR B 249 -9.76 20.79 13.81
CA TYR B 249 -8.37 20.36 13.89
C TYR B 249 -8.03 19.95 15.33
N GLY B 250 -8.45 20.77 16.32
CA GLY B 250 -8.29 20.48 17.74
C GLY B 250 -8.94 19.15 18.10
N ILE B 251 -10.11 18.83 17.47
CA ILE B 251 -10.78 17.55 17.70
C ILE B 251 -9.94 16.44 17.03
N PHE B 252 -9.40 16.71 15.84
CA PHE B 252 -8.54 15.75 15.13
C PHE B 252 -7.32 15.37 16.02
N LEU B 253 -6.67 16.37 16.63
CA LEU B 253 -5.52 16.23 17.52
C LEU B 253 -5.90 15.29 18.65
N TRP B 254 -7.10 15.49 19.22
CA TRP B 254 -7.60 14.63 20.25
C TRP B 254 -7.71 13.21 19.72
N GLU B 255 -8.37 12.97 18.54
CA GLU B 255 -8.47 11.62 17.95
C GLU B 255 -7.09 10.98 17.76
N LEU B 256 -6.13 11.80 17.28
CA LEU B 256 -4.77 11.42 17.02
C LEU B 256 -4.06 10.89 18.29
N PHE B 257 -4.00 11.67 19.38
CA PHE B 257 -3.29 11.25 20.59
C PHE B 257 -4.08 10.29 21.50
N SER B 258 -5.33 10.05 21.14
CA SER B 258 -6.17 9.08 21.81
C SER B 258 -6.20 7.75 20.98
N LEU B 259 -5.45 7.75 19.87
CA LEU B 259 -5.25 6.67 18.92
C LEU B 259 -6.54 6.10 18.29
N GLY B 260 -7.31 6.93 17.60
CA GLY B 260 -8.53 6.51 16.92
C GLY B 260 -9.80 6.54 17.75
N SER B 261 -9.69 6.83 19.06
CA SER B 261 -10.83 6.92 19.95
C SER B 261 -11.82 8.04 19.51
N SER B 262 -13.14 7.81 19.67
CA SER B 262 -14.20 8.76 19.29
C SER B 262 -14.26 9.94 20.24
N PRO B 263 -14.41 11.21 19.77
CA PRO B 263 -14.43 12.34 20.72
C PRO B 263 -15.58 12.28 21.71
N TYR B 264 -15.41 12.96 22.88
CA TYR B 264 -16.39 13.01 23.98
C TYR B 264 -16.87 11.60 24.27
N PRO B 265 -15.96 10.69 24.72
CA PRO B 265 -16.35 9.31 24.93
C PRO B 265 -17.44 9.16 25.98
N GLY B 266 -18.43 8.33 25.66
CA GLY B 266 -19.57 8.03 26.53
C GLY B 266 -20.62 9.12 26.66
N MET B 267 -20.39 10.23 25.96
CA MET B 267 -21.30 11.36 25.92
C MET B 267 -22.12 11.33 24.64
N PRO B 268 -23.43 11.18 24.74
CA PRO B 268 -24.22 11.11 23.50
C PRO B 268 -24.53 12.50 22.98
N VAL B 269 -24.88 12.62 21.66
CA VAL B 269 -25.22 13.92 21.08
C VAL B 269 -26.69 14.19 21.35
N ASP B 270 -26.97 14.79 22.51
CA ASP B 270 -28.29 15.12 23.01
C ASP B 270 -28.34 16.60 23.41
N SER B 271 -29.44 17.04 24.03
CA SER B 271 -29.64 18.41 24.51
C SER B 271 -28.51 18.80 25.50
N LYS B 272 -28.16 17.86 26.42
CA LYS B 272 -27.13 18.04 27.44
C LYS B 272 -25.77 18.27 26.79
N PHE B 273 -25.48 17.57 25.64
CA PHE B 273 -24.20 17.76 24.95
C PHE B 273 -24.07 19.20 24.47
N TYR B 274 -25.08 19.72 23.73
CA TYR B 274 -25.08 21.07 23.19
C TYR B 274 -24.92 22.12 24.27
N LYS B 275 -25.70 21.97 25.37
CA LYS B 275 -25.68 22.84 26.54
C LYS B 275 -24.27 22.90 27.13
N MET B 276 -23.63 21.73 27.33
CA MET B 276 -22.29 21.64 27.92
C MET B 276 -21.19 22.32 27.08
N ILE B 277 -21.22 22.15 25.74
CA ILE B 277 -20.24 22.80 24.85
C ILE B 277 -20.38 24.34 24.92
N LYS B 278 -21.64 24.81 24.84
CA LYS B 278 -22.02 26.22 24.96
C LYS B 278 -21.48 26.79 26.30
N GLU B 279 -21.61 25.99 27.40
CA GLU B 279 -21.19 26.33 28.77
C GLU B 279 -19.68 26.22 29.03
N GLY B 280 -18.93 25.74 28.03
CA GLY B 280 -17.48 25.65 28.12
C GLY B 280 -16.87 24.30 28.45
N PHE B 281 -17.67 23.22 28.50
CA PHE B 281 -17.12 21.88 28.73
C PHE B 281 -16.20 21.53 27.58
N ARG B 282 -15.01 21.02 27.90
CA ARG B 282 -14.07 20.59 26.86
C ARG B 282 -13.43 19.27 27.30
N MET B 283 -13.12 18.40 26.33
CA MET B 283 -12.47 17.12 26.60
C MET B 283 -11.15 17.28 27.35
N SER B 284 -10.86 16.31 28.23
CA SER B 284 -9.59 16.26 28.97
C SER B 284 -8.46 15.78 28.02
N SER B 285 -7.20 15.89 28.44
CA SER B 285 -6.08 15.48 27.60
C SER B 285 -6.00 14.00 27.37
N PRO B 286 -5.79 13.59 26.11
CA PRO B 286 -5.49 12.17 25.84
C PRO B 286 -4.26 11.76 26.65
N GLU B 287 -4.23 10.49 27.02
CA GLU B 287 -3.15 9.91 27.78
C GLU B 287 -1.79 10.17 27.11
N TYR B 288 -1.73 10.13 25.76
CA TYR B 288 -0.49 10.27 24.99
C TYR B 288 -0.17 11.66 24.42
N ALA B 289 -1.03 12.62 24.64
CA ALA B 289 -0.77 13.96 24.13
C ALA B 289 0.29 14.68 24.95
N PRO B 290 1.37 15.17 24.30
CA PRO B 290 2.35 16.03 24.98
C PRO B 290 1.63 17.24 25.56
N ALA B 291 2.03 17.70 26.75
CA ALA B 291 1.40 18.85 27.42
C ALA B 291 1.16 20.04 26.49
N GLU B 292 2.17 20.36 25.67
CA GLU B 292 2.18 21.48 24.70
C GLU B 292 1.16 21.27 23.55
N MET B 293 0.84 19.96 23.20
CA MET B 293 -0.13 19.60 22.14
C MET B 293 -1.52 19.70 22.67
N TYR B 294 -1.69 19.47 23.99
CA TYR B 294 -3.01 19.64 24.58
C TYR B 294 -3.34 21.15 24.72
N ASP B 295 -2.30 21.97 24.90
CA ASP B 295 -2.47 23.41 24.96
C ASP B 295 -2.97 23.96 23.61
N ILE B 296 -2.51 23.37 22.45
CA ILE B 296 -2.98 23.73 21.11
C ILE B 296 -4.47 23.40 21.02
N MET B 297 -4.86 22.16 21.43
CA MET B 297 -6.26 21.72 21.41
C MET B 297 -7.12 22.72 22.16
N LYS B 298 -6.66 23.13 23.37
CA LYS B 298 -7.35 24.07 24.25
C LYS B 298 -7.69 25.38 23.55
N THR B 299 -6.74 25.93 22.76
CA THR B 299 -6.88 27.19 22.00
C THR B 299 -7.76 27.05 20.76
N CYS B 300 -7.69 25.89 20.08
CA CYS B 300 -8.55 25.52 18.96
C CYS B 300 -10.01 25.50 19.41
N TRP B 301 -10.26 25.12 20.67
CA TRP B 301 -11.59 25.02 21.22
C TRP B 301 -12.06 26.25 21.92
N ASP B 302 -11.39 27.41 21.72
CA ASP B 302 -11.83 28.64 22.35
C ASP B 302 -13.23 28.97 21.88
N ALA B 303 -14.07 29.43 22.81
CA ALA B 303 -15.45 29.77 22.47
C ALA B 303 -15.45 30.94 21.48
N ASP B 304 -14.49 31.88 21.65
CA ASP B 304 -14.31 33.04 20.77
C ASP B 304 -13.47 32.62 19.55
N PRO B 305 -14.06 32.60 18.33
CA PRO B 305 -13.29 32.21 17.13
C PRO B 305 -12.04 33.08 16.87
N ASP B 306 -12.08 34.35 17.28
CA ASP B 306 -10.95 35.27 17.13
C ASP B 306 -9.80 34.93 18.07
N LYS B 307 -10.06 34.21 19.17
CA LYS B 307 -9.03 33.78 20.12
C LYS B 307 -8.35 32.45 19.71
N ARG B 308 -8.91 31.76 18.70
CA ARG B 308 -8.35 30.51 18.16
C ARG B 308 -7.13 30.82 17.29
N PRO B 309 -6.07 29.94 17.29
CA PRO B 309 -4.91 30.19 16.43
C PRO B 309 -5.25 30.00 14.95
N THR B 310 -4.40 30.54 14.08
CA THR B 310 -4.55 30.32 12.63
C THR B 310 -3.76 29.05 12.36
N PHE B 311 -4.01 28.35 11.23
CA PHE B 311 -3.21 27.15 10.94
C PHE B 311 -1.72 27.46 10.82
N LYS B 312 -1.38 28.65 10.31
CA LYS B 312 0.02 29.02 10.19
C LYS B 312 0.68 29.18 11.58
N GLN B 313 -0.08 29.71 12.58
CA GLN B 313 0.40 29.83 13.95
C GLN B 313 0.64 28.44 14.48
N ILE B 314 -0.34 27.51 14.31
CA ILE B 314 -0.25 26.09 14.73
C ILE B 314 1.03 25.42 14.14
N VAL B 315 1.32 25.67 12.83
CA VAL B 315 2.49 25.09 12.15
C VAL B 315 3.76 25.49 12.85
N GLN B 316 3.92 26.80 13.12
CA GLN B 316 5.07 27.37 13.82
C GLN B 316 5.22 26.79 15.23
N ASP B 317 4.10 26.59 15.94
CA ASP B 317 4.02 26.02 17.28
C ASP B 317 4.57 24.59 17.28
N ILE B 318 4.01 23.71 16.40
CA ILE B 318 4.43 22.30 16.29
C ILE B 318 5.88 22.19 15.80
N GLU B 319 6.27 23.05 14.84
CA GLU B 319 7.63 23.07 14.30
C GLU B 319 8.65 23.22 15.43
N LYS B 320 8.43 24.17 16.36
CA LYS B 320 9.30 24.45 17.51
C LYS B 320 9.34 23.22 18.44
N GLN B 321 8.17 22.64 18.73
CA GLN B 321 8.04 21.43 19.57
C GLN B 321 8.85 20.26 19.03
N ILE B 322 8.91 20.15 17.67
CA ILE B 322 9.64 19.11 16.94
C ILE B 322 11.14 19.32 17.09
N SER B 323 11.62 20.55 16.84
CA SER B 323 13.04 20.91 16.92
C SER B 323 13.59 20.63 18.33
N GLU B 324 12.80 21.00 19.37
CA GLU B 324 13.09 20.82 20.80
C GLU B 324 13.27 19.35 21.21
N SER B 325 12.84 18.41 20.34
CA SER B 325 12.97 16.95 20.52
C SER B 325 13.96 16.32 19.51
C1 O35 C . 10.76 -10.60 -11.94
C2 O35 C . 11.46 -11.36 -12.86
C3 O35 C . 12.85 -11.38 -12.88
C7 O35 C . 13.14 -7.93 -9.41
C8 O35 C . 14.10 -6.86 -8.90
C9 O35 C . 13.64 -6.34 -7.55
C10 O35 C . 13.48 -4.97 -7.29
C11 O35 C . 12.92 -4.59 -6.08
C12 O35 C . 12.53 -5.57 -5.17
C13 O35 C . 12.75 -6.90 -5.50
C14 O35 C . 10.85 -4.41 -3.88
C15 O35 C . 10.08 -4.04 -4.96
C16 O35 C . 8.98 -3.24 -4.73
C19 O35 C . 11.10 -4.50 -1.38
C20 O35 C . 10.59 -4.18 -0.15
C21 O35 C . 9.49 -3.32 -0.05
C22 O35 C . 8.86 -2.81 -1.17
C24 O35 C . 13.87 -2.70 -7.93
C27 O35 C . 13.21 -14.34 -12.09
O O35 C . 12.03 -8.05 -8.91
N O35 C . 13.61 -8.75 -10.38
C5 O35 C . 12.88 -9.72 -11.13
C4 O35 C . 13.55 -10.51 -12.04
C25 O35 C . 13.57 -12.49 -13.61
N3 O35 C . 14.20 -13.43 -12.68
C26 O35 C . 15.23 -14.21 -13.35
C6 O35 C . 11.48 -9.80 -11.05
C O35 C . 9.25 -10.67 -11.88
N1 O35 C . 13.32 -7.28 -6.65
O3 O35 C . 13.88 -4.10 -8.25
O1 O35 C . 12.03 -5.17 -3.93
C18 O35 C . 10.51 -3.97 -2.57
O2 O35 C . 9.08 -3.10 1.24
C23 O35 C . 7.99 -2.23 1.45
C17 O35 C . 9.36 -3.15 -2.45
N2 O35 C . 8.60 -2.77 -3.54
C1 O35 D . -9.21 18.12 -1.23
C2 O35 D . -10.05 19.22 -1.13
C3 O35 D . -11.41 19.13 -1.37
C7 O35 D . -11.17 14.32 -2.30
C8 O35 D . -11.89 13.25 -3.11
C9 O35 D . -11.46 11.86 -2.69
C10 O35 D . -10.94 10.84 -3.51
C11 O35 D . -10.43 9.69 -2.90
C12 O35 D . -10.45 9.57 -1.52
C13 O35 D . -10.98 10.62 -0.79
C14 O35 D . -8.75 7.85 -1.31
C15 O35 D . -7.79 8.56 -1.98
C16 O35 D . -6.59 7.94 -2.26
C19 O35 D . -9.34 5.80 -0.01
C20 O35 D . -8.91 4.65 0.56
C21 O35 D . -7.65 4.13 0.24
C22 O35 D . -6.81 4.76 -0.64
C24 O35 D . -10.41 9.95 -5.68
C27 O35 D . -11.98 21.16 1.05
O O35 D . -10.16 14.04 -1.65
N O35 D . -11.74 15.54 -2.26
C5 O35 D . -11.15 16.76 -1.82
C4 O35 D . -11.95 17.90 -1.72
C25 O35 D . -12.30 20.33 -1.16
N3 O35 D . -12.79 20.30 0.21
C26 O35 D . -14.19 20.71 0.29
C6 O35 D . -9.78 16.89 -1.57
C O35 D . -7.76 18.22 -0.84
N1 O35 D . -11.48 11.73 -1.35
O3 O35 D . -10.94 11.02 -4.87
O1 O35 D . -10.00 8.38 -0.93
C18 O35 D . -8.51 6.51 -0.93
O2 O35 D . -7.33 2.95 0.87
C23 O35 D . -6.05 2.37 0.60
C17 O35 D . -7.22 5.98 -1.23
N2 O35 D . -6.28 6.69 -1.92
#